data_2ZTW
#
_entry.id   2ZTW
#
_cell.length_a   103.507
_cell.length_b   103.507
_cell.length_c   186.418
_cell.angle_alpha   90.00
_cell.angle_beta   90.00
_cell.angle_gamma   120.00
#
_symmetry.space_group_name_H-M   'P 61 2 2'
#
loop_
_entity.id
_entity.type
_entity.pdbx_description
1 polymer '3-isopropylmalate dehydrogenase'
2 non-polymer NICOTINAMIDE-ADENINE-DINUCLEOTIDE
3 non-polymer '(2Z)-2-hydroxy-3-(methylsulfanyl)prop-2-enoic acid'
4 non-polymer 'MAGNESIUM ION'
5 water water
#
_entity_poly.entity_id   1
_entity_poly.type   'polypeptide(L)'
_entity_poly.pdbx_seq_one_letter_code
;MKVAVLPGDGIGPEVTEAALKVLRALDEAEGLGLAYEVFPFGGAAIDAFGEPFPEPTRKGVEEAEAVLLGSVGGPKWDGL
PRKIRPETGLLSLRKSQDLFANLRPAKVFPGLERLSPLKEEIARGVDVLIVRELTGGIYFGEPRGMSEAEAWNTERYSKP
EVERVARVAFEAARKRRKHVVSVDKANVLEVGEFWRKTVEEVGRGYPDVALEHQYVDAMAMHLVRSPARFDVVVTGNIFG
DILSDLASVLPGSLGLLPSASLGRGTPVFEPVHGSAPDIAGKGIANPTAAILSAAMMLEHAFGLVELARKVEDAVAKALL
ETPPPDLGGSAGTEAFTATVLRHLA
;
_entity_poly.pdbx_strand_id   A
#
loop_
_chem_comp.id
_chem_comp.type
_chem_comp.name
_chem_comp.formula
DEI non-polymer '(2Z)-2-hydroxy-3-(methylsulfanyl)prop-2-enoic acid' 'C4 H6 O3 S'
MG non-polymer 'MAGNESIUM ION' 'Mg 2'
NAD non-polymer NICOTINAMIDE-ADENINE-DINUCLEOTIDE 'C21 H27 N7 O14 P2'
#
# COMPACT_ATOMS: atom_id res chain seq x y z
N MET A 1 2.34 -14.31 -15.32
CA MET A 1 2.14 -12.96 -14.76
C MET A 1 0.90 -12.32 -15.40
N LYS A 2 -0.27 -12.74 -14.92
CA LYS A 2 -1.53 -12.29 -15.47
C LYS A 2 -1.98 -11.17 -14.54
N VAL A 3 -2.05 -9.95 -15.08
CA VAL A 3 -2.41 -8.80 -14.28
C VAL A 3 -3.67 -8.20 -14.80
N ALA A 4 -4.63 -7.94 -13.91
CA ALA A 4 -5.75 -7.08 -14.26
C ALA A 4 -5.37 -5.63 -13.92
N VAL A 5 -5.47 -4.73 -14.89
CA VAL A 5 -5.01 -3.38 -14.70
C VAL A 5 -6.18 -2.43 -14.64
N LEU A 6 -6.33 -1.73 -13.51
CA LEU A 6 -7.50 -0.91 -13.25
C LEU A 6 -7.18 0.59 -13.07
N PRO A 7 -6.87 1.27 -14.17
CA PRO A 7 -6.34 2.63 -14.12
C PRO A 7 -7.31 3.63 -13.48
N GLY A 8 -8.59 3.51 -13.73
CA GLY A 8 -9.54 4.36 -13.03
C GLY A 8 -9.56 5.79 -13.53
N ASP A 9 -9.36 6.75 -12.64
CA ASP A 9 -9.72 8.13 -12.94
C ASP A 9 -8.59 9.07 -12.64
N GLY A 10 -8.75 10.30 -13.12
CA GLY A 10 -7.85 11.39 -12.81
C GLY A 10 -6.47 11.05 -13.31
N ILE A 11 -5.50 11.06 -12.39
CA ILE A 11 -4.12 10.72 -12.73
C ILE A 11 -3.88 9.20 -12.78
N GLY A 12 -4.87 8.43 -12.31
CA GLY A 12 -4.86 6.98 -12.36
C GLY A 12 -4.27 6.37 -13.63
N PRO A 13 -4.89 6.68 -14.79
CA PRO A 13 -4.34 6.06 -16.01
C PRO A 13 -2.97 6.58 -16.35
N GLU A 14 -2.69 7.85 -16.05
CA GLU A 14 -1.38 8.47 -16.35
C GLU A 14 -0.26 7.69 -15.65
N VAL A 15 -0.42 7.51 -14.33
CA VAL A 15 0.60 6.87 -13.48
C VAL A 15 0.62 5.37 -13.66
N THR A 16 -0.58 4.79 -13.81
CA THR A 16 -0.69 3.38 -14.14
C THR A 16 0.17 3.15 -15.40
N GLU A 17 -0.06 3.98 -16.43
CA GLU A 17 0.65 3.80 -17.70
C GLU A 17 2.17 3.80 -17.48
N ALA A 18 2.62 4.64 -16.56
CA ALA A 18 4.05 4.72 -16.32
C ALA A 18 4.57 3.40 -15.74
N ALA A 19 3.79 2.80 -14.83
CA ALA A 19 4.12 1.55 -14.19
C ALA A 19 4.22 0.39 -15.20
N LEU A 20 3.27 0.35 -16.11
CA LEU A 20 3.26 -0.57 -17.25
C LEU A 20 4.46 -0.42 -18.16
N LYS A 21 4.81 0.82 -18.54
CA LYS A 21 6.06 0.99 -19.28
C LYS A 21 7.15 0.23 -18.52
N VAL A 22 7.18 0.38 -17.20
CA VAL A 22 8.26 -0.25 -16.39
C VAL A 22 8.16 -1.78 -16.40
N LEU A 23 6.96 -2.28 -16.12
CA LEU A 23 6.64 -3.70 -16.22
C LEU A 23 6.91 -4.25 -17.61
N ARG A 24 6.57 -3.51 -18.66
CA ARG A 24 6.83 -3.97 -20.03
C ARG A 24 8.32 -4.05 -20.30
N ALA A 25 9.03 -2.99 -19.97
CA ALA A 25 10.47 -2.97 -20.17
C ALA A 25 11.01 -4.19 -19.49
N LEU A 26 10.53 -4.43 -18.28
CA LEU A 26 11.02 -5.52 -17.45
C LEU A 26 10.68 -6.87 -18.07
N ASP A 27 9.47 -6.98 -18.60
CA ASP A 27 9.10 -8.13 -19.40
C ASP A 27 10.08 -8.44 -20.55
N GLU A 28 10.34 -7.48 -21.42
CA GLU A 28 11.19 -7.74 -22.58
C GLU A 28 12.61 -8.11 -22.23
N ALA A 29 13.15 -7.50 -21.17
CA ALA A 29 14.57 -7.67 -20.82
C ALA A 29 14.83 -8.94 -20.03
N GLU A 30 13.81 -9.39 -19.31
CA GLU A 30 13.98 -10.45 -18.32
C GLU A 30 13.08 -11.64 -18.65
N GLY A 31 12.12 -11.42 -19.54
CA GLY A 31 11.14 -12.44 -19.93
C GLY A 31 10.32 -12.98 -18.76
N LEU A 32 9.14 -12.39 -18.56
CA LEU A 32 8.21 -12.82 -17.54
C LEU A 32 6.92 -13.18 -18.26
N GLY A 33 5.95 -13.72 -17.57
CA GLY A 33 4.71 -14.06 -18.25
C GLY A 33 3.92 -12.83 -18.64
N LEU A 34 4.46 -11.64 -18.42
CA LEU A 34 3.61 -10.46 -18.43
C LEU A 34 2.51 -10.57 -19.49
N ALA A 35 1.30 -10.79 -19.00
CA ALA A 35 0.07 -10.69 -19.77
C ALA A 35 -0.86 -9.85 -18.91
N TYR A 36 -1.58 -8.93 -19.52
CA TYR A 36 -2.42 -8.06 -18.74
C TYR A 36 -3.54 -7.47 -19.56
N GLU A 37 -4.57 -6.98 -18.90
CA GLU A 37 -5.73 -6.42 -19.59
C GLU A 37 -6.28 -5.25 -18.81
N VAL A 38 -6.71 -4.21 -19.52
CA VAL A 38 -7.16 -2.98 -18.85
C VAL A 38 -8.66 -3.00 -18.64
N PHE A 39 -9.11 -3.05 -17.39
CA PHE A 39 -10.54 -3.01 -17.16
C PHE A 39 -10.93 -1.64 -16.67
N PRO A 40 -12.16 -1.21 -16.99
CA PRO A 40 -12.62 0.07 -16.49
C PRO A 40 -13.10 -0.04 -15.04
N PHE A 41 -12.59 0.85 -14.20
CA PHE A 41 -12.90 0.80 -12.78
C PHE A 41 -13.28 2.19 -12.33
N GLY A 42 -14.07 2.28 -11.26
CA GLY A 42 -14.44 3.56 -10.66
C GLY A 42 -15.25 4.43 -11.59
N GLY A 43 -14.94 5.72 -11.64
CA GLY A 43 -15.61 6.66 -12.53
C GLY A 43 -15.68 6.16 -13.96
N ALA A 44 -14.53 5.86 -14.55
CA ALA A 44 -14.49 5.35 -15.92
C ALA A 44 -15.54 4.28 -16.15
N ALA A 45 -15.73 3.41 -15.14
CA ALA A 45 -16.71 2.33 -15.22
C ALA A 45 -18.15 2.85 -15.12
N ILE A 46 -18.39 3.80 -14.21
CA ILE A 46 -19.70 4.43 -14.11
C ILE A 46 -20.07 5.02 -15.46
N ASP A 47 -19.24 5.95 -15.96
CA ASP A 47 -19.46 6.56 -17.28
C ASP A 47 -20.03 5.61 -18.34
N ALA A 48 -19.52 4.38 -18.39
CA ALA A 48 -19.82 3.41 -19.45
C ALA A 48 -20.63 2.15 -19.02
N PHE A 49 -21.02 2.04 -17.74
CA PHE A 49 -21.73 0.84 -17.25
C PHE A 49 -22.75 1.12 -16.15
N GLY A 50 -22.94 2.40 -15.80
CA GLY A 50 -23.83 2.81 -14.70
C GLY A 50 -23.36 2.40 -13.29
N GLU A 51 -22.27 1.64 -13.23
CA GLU A 51 -21.75 1.15 -11.95
C GLU A 51 -20.20 1.08 -11.91
N PRO A 52 -19.61 1.18 -10.70
CA PRO A 52 -18.16 1.35 -10.62
C PRO A 52 -17.34 0.07 -10.62
N PHE A 53 -17.97 -1.06 -10.28
CA PHE A 53 -17.24 -2.33 -10.27
C PHE A 53 -17.90 -3.40 -11.19
N PRO A 54 -17.80 -3.21 -12.51
CA PRO A 54 -18.53 -4.05 -13.45
C PRO A 54 -18.07 -5.51 -13.43
N GLU A 55 -18.98 -6.39 -13.83
CA GLU A 55 -18.76 -7.83 -13.89
C GLU A 55 -17.65 -8.25 -14.84
N PRO A 56 -17.41 -7.51 -15.96
CA PRO A 56 -16.23 -7.79 -16.78
C PRO A 56 -14.92 -7.58 -16.00
N THR A 57 -14.89 -6.48 -15.23
CA THR A 57 -13.79 -6.12 -14.34
C THR A 57 -13.76 -7.13 -13.20
N ARG A 58 -14.91 -7.41 -12.62
CA ARG A 58 -15.03 -8.40 -11.56
C ARG A 58 -14.48 -9.72 -12.06
N LYS A 59 -14.81 -10.07 -13.30
CA LYS A 59 -14.31 -11.30 -13.90
C LYS A 59 -12.79 -11.24 -14.00
N GLY A 60 -12.28 -10.11 -14.50
CA GLY A 60 -10.85 -9.91 -14.73
C GLY A 60 -10.02 -10.02 -13.46
N VAL A 61 -10.49 -9.35 -12.41
CA VAL A 61 -9.88 -9.38 -11.09
C VAL A 61 -9.68 -10.81 -10.64
N GLU A 62 -10.78 -11.57 -10.58
CA GLU A 62 -10.80 -12.93 -10.09
C GLU A 62 -9.76 -13.79 -10.75
N GLU A 63 -9.81 -13.75 -12.07
CA GLU A 63 -9.02 -14.61 -12.89
C GLU A 63 -7.57 -14.20 -12.88
N ALA A 64 -7.30 -12.89 -12.86
CA ALA A 64 -5.93 -12.37 -12.71
C ALA A 64 -5.25 -12.82 -11.42
N GLU A 65 -3.94 -13.07 -11.49
CA GLU A 65 -3.10 -13.34 -10.32
C GLU A 65 -2.74 -12.09 -9.50
N ALA A 66 -2.88 -10.89 -10.08
CA ALA A 66 -2.68 -9.62 -9.35
C ALA A 66 -3.42 -8.48 -10.00
N VAL A 67 -3.91 -7.55 -9.19
CA VAL A 67 -4.48 -6.31 -9.71
C VAL A 67 -3.52 -5.14 -9.49
N LEU A 68 -3.19 -4.43 -10.59
CA LEU A 68 -2.52 -3.14 -10.51
C LEU A 68 -3.61 -2.12 -10.62
N LEU A 69 -3.94 -1.45 -9.50
CA LEU A 69 -4.96 -0.38 -9.45
C LEU A 69 -4.32 0.99 -9.61
N GLY A 70 -5.04 1.92 -10.24
CA GLY A 70 -4.63 3.30 -10.29
C GLY A 70 -5.28 4.02 -9.12
N SER A 71 -6.24 4.89 -9.42
CA SER A 71 -7.05 5.55 -8.41
C SER A 71 -8.36 5.89 -9.05
N VAL A 72 -9.38 6.07 -8.21
CA VAL A 72 -10.73 6.34 -8.66
C VAL A 72 -11.26 7.59 -8.00
N GLY A 73 -12.39 8.10 -8.49
CA GLY A 73 -13.16 9.15 -7.81
C GLY A 73 -13.03 10.51 -8.48
N GLY A 74 -13.88 11.45 -8.08
CA GLY A 74 -13.85 12.79 -8.65
C GLY A 74 -15.16 13.54 -8.56
N PRO A 75 -15.12 14.90 -8.69
CA PRO A 75 -16.28 15.78 -8.61
C PRO A 75 -17.48 15.21 -9.38
N LYS A 76 -17.22 14.83 -10.62
CA LYS A 76 -18.24 14.37 -11.56
C LYS A 76 -18.92 13.06 -11.13
N TRP A 77 -18.82 12.70 -9.85
CA TRP A 77 -19.46 11.50 -9.29
C TRP A 77 -19.73 11.61 -7.78
N ASP A 78 -19.38 12.76 -7.19
CA ASP A 78 -19.42 12.90 -5.72
C ASP A 78 -20.84 13.02 -5.16
N GLY A 79 -21.73 13.64 -5.93
CA GLY A 79 -23.15 13.66 -5.60
C GLY A 79 -23.84 12.49 -6.29
N LEU A 80 -23.61 11.28 -5.79
CA LEU A 80 -24.24 10.06 -6.30
C LEU A 80 -24.54 9.10 -5.14
N PRO A 81 -25.51 8.18 -5.33
CA PRO A 81 -25.86 7.18 -4.30
C PRO A 81 -24.66 6.39 -3.74
N ARG A 82 -24.47 6.42 -2.41
CA ARG A 82 -23.39 5.67 -1.73
C ARG A 82 -23.11 4.35 -2.43
N LYS A 83 -24.15 3.54 -2.57
CA LYS A 83 -24.06 2.23 -3.21
C LYS A 83 -23.36 2.25 -4.58
N ILE A 84 -23.19 3.42 -5.18
CA ILE A 84 -22.67 3.44 -6.55
C ILE A 84 -21.44 4.36 -6.81
N ARG A 85 -21.04 5.12 -5.79
CA ARG A 85 -19.86 5.97 -5.85
C ARG A 85 -18.57 5.17 -6.06
N PRO A 86 -17.59 5.75 -6.80
CA PRO A 86 -16.31 5.08 -7.07
C PRO A 86 -15.64 4.52 -5.82
N GLU A 87 -15.79 5.20 -4.69
CA GLU A 87 -15.19 4.75 -3.42
C GLU A 87 -15.78 3.42 -2.97
N THR A 88 -17.05 3.21 -3.24
CA THR A 88 -17.68 1.96 -2.88
C THR A 88 -17.24 0.86 -3.85
N GLY A 89 -16.76 1.28 -5.02
CA GLY A 89 -16.04 0.39 -5.94
C GLY A 89 -14.82 -0.21 -5.26
N LEU A 90 -13.93 0.65 -4.74
CA LEU A 90 -12.77 0.25 -3.93
C LEU A 90 -13.17 -0.72 -2.84
N LEU A 91 -14.25 -0.40 -2.14
CA LEU A 91 -14.68 -1.17 -0.98
C LEU A 91 -15.14 -2.56 -1.41
N SER A 92 -15.91 -2.62 -2.50
CA SER A 92 -16.37 -3.91 -3.02
C SER A 92 -15.21 -4.75 -3.53
N LEU A 93 -14.31 -4.08 -4.26
CA LEU A 93 -13.14 -4.72 -4.81
C LEU A 93 -12.40 -5.40 -3.68
N ARG A 94 -12.04 -4.62 -2.66
CA ARG A 94 -11.26 -5.14 -1.54
C ARG A 94 -11.97 -6.30 -0.85
N LYS A 95 -13.24 -6.09 -0.48
CA LYS A 95 -14.11 -7.12 0.15
C LYS A 95 -14.20 -8.36 -0.74
N SER A 96 -14.40 -8.14 -2.02
CA SER A 96 -14.57 -9.22 -2.96
C SER A 96 -13.40 -10.20 -2.89
N GLN A 97 -12.21 -9.75 -2.53
CA GLN A 97 -11.03 -10.63 -2.40
C GLN A 97 -10.57 -10.97 -0.97
N ASP A 98 -11.32 -10.49 0.04
CA ASP A 98 -10.99 -10.69 1.46
C ASP A 98 -9.50 -10.46 1.67
N LEU A 99 -9.14 -9.19 1.50
CA LEU A 99 -7.81 -8.69 1.70
C LEU A 99 -7.74 -8.23 3.14
N PHE A 100 -6.91 -8.89 3.93
CA PHE A 100 -6.92 -8.65 5.35
C PHE A 100 -5.58 -8.02 5.75
N ALA A 101 -4.68 -7.84 4.78
CA ALA A 101 -3.35 -7.32 5.10
C ALA A 101 -3.00 -6.12 4.25
N ASN A 102 -2.90 -4.96 4.88
CA ASN A 102 -2.48 -3.80 4.15
C ASN A 102 -1.05 -3.47 4.47
N LEU A 103 -0.25 -3.43 3.40
CA LEU A 103 1.17 -3.12 3.47
C LEU A 103 1.45 -1.71 2.93
N ARG A 104 1.99 -0.84 3.79
CA ARG A 104 2.41 0.49 3.35
C ARG A 104 3.82 0.83 3.77
N PRO A 105 4.74 0.90 2.79
CA PRO A 105 6.12 1.23 3.13
C PRO A 105 6.41 2.71 3.06
N ALA A 106 7.08 3.24 4.07
CA ALA A 106 7.48 4.62 4.10
C ALA A 106 8.99 4.53 3.94
N LYS A 107 9.50 5.07 2.85
CA LYS A 107 10.93 5.03 2.60
C LYS A 107 11.49 6.42 2.31
N VAL A 108 12.60 6.77 2.94
CA VAL A 108 13.29 8.02 2.64
C VAL A 108 14.49 7.69 1.74
N PHE A 109 14.37 7.79 0.42
CA PHE A 109 15.55 7.39 -0.41
C PHE A 109 16.82 8.22 -0.13
N PRO A 110 18.01 7.62 -0.28
CA PRO A 110 19.25 8.41 -0.07
C PRO A 110 19.23 9.70 -0.88
N GLY A 111 19.52 10.82 -0.23
CA GLY A 111 19.51 12.14 -0.87
C GLY A 111 18.17 12.87 -0.80
N LEU A 112 17.13 12.19 -0.33
CA LEU A 112 15.83 12.78 -0.27
C LEU A 112 15.47 13.11 1.14
N GLU A 113 16.46 13.08 2.04
CA GLU A 113 16.25 13.45 3.45
C GLU A 113 15.70 14.89 3.52
N ARG A 114 16.15 15.76 2.62
CA ARG A 114 15.67 17.14 2.61
C ARG A 114 14.15 17.22 2.64
N LEU A 115 13.45 16.24 2.05
CA LEU A 115 11.99 16.26 2.00
C LEU A 115 11.26 15.94 3.28
N SER A 116 11.95 15.31 4.22
CA SER A 116 11.22 14.76 5.32
C SER A 116 10.84 15.88 6.28
N PRO A 117 9.69 15.76 6.95
CA PRO A 117 9.49 16.66 8.10
C PRO A 117 10.52 16.42 9.22
N LEU A 118 11.14 15.23 9.23
CA LEU A 118 12.12 14.93 10.26
C LEU A 118 13.45 15.57 9.90
N LYS A 119 14.35 15.71 10.85
CA LYS A 119 15.72 16.21 10.50
C LYS A 119 16.51 15.21 9.68
N GLU A 120 17.40 15.71 8.82
CA GLU A 120 18.28 14.88 7.98
C GLU A 120 18.71 13.59 8.74
N GLU A 121 19.32 13.73 9.93
CA GLU A 121 19.92 12.60 10.62
C GLU A 121 18.89 11.59 11.07
N ILE A 122 17.65 11.99 11.24
CA ILE A 122 16.70 11.06 11.75
C ILE A 122 16.08 10.39 10.58
N ALA A 123 15.86 11.14 9.51
CA ALA A 123 15.23 10.64 8.30
C ALA A 123 16.15 9.68 7.52
N ARG A 124 17.47 9.85 7.59
CA ARG A 124 18.40 8.99 6.85
C ARG A 124 18.16 7.53 7.15
N GLY A 125 18.07 6.74 6.10
CA GLY A 125 17.93 5.31 6.26
C GLY A 125 16.53 4.83 6.57
N VAL A 126 15.53 5.70 6.70
CA VAL A 126 14.19 5.22 7.07
C VAL A 126 13.67 4.32 5.98
N ASP A 127 13.22 3.12 6.32
CA ASP A 127 12.65 2.20 5.33
C ASP A 127 11.78 1.16 6.04
N VAL A 128 10.59 1.59 6.44
CA VAL A 128 9.76 0.80 7.33
C VAL A 128 8.50 0.39 6.61
N LEU A 129 8.07 -0.84 6.81
CA LEU A 129 6.85 -1.30 6.19
C LEU A 129 5.76 -1.54 7.24
N ILE A 130 4.64 -0.83 7.09
CA ILE A 130 3.57 -0.98 8.04
C ILE A 130 2.55 -1.98 7.50
N VAL A 131 2.30 -3.00 8.30
CA VAL A 131 1.39 -4.03 7.89
C VAL A 131 0.20 -3.90 8.79
N ARG A 132 -0.97 -3.66 8.17
CA ARG A 132 -2.20 -3.38 8.91
C ARG A 132 -3.25 -4.48 8.70
N GLU A 133 -3.78 -5.02 9.80
CA GLU A 133 -4.93 -5.93 9.71
C GLU A 133 -6.15 -5.15 9.20
N LEU A 134 -6.82 -5.61 8.15
CA LEU A 134 -7.89 -4.85 7.50
C LEU A 134 -9.31 -5.28 7.86
N THR A 135 -9.48 -6.53 8.26
CA THR A 135 -10.83 -7.05 8.28
C THR A 135 -11.44 -7.26 9.67
N GLY A 136 -10.66 -7.07 10.74
CA GLY A 136 -11.15 -7.25 12.09
C GLY A 136 -11.01 -6.03 12.98
N GLY A 137 -11.09 -6.29 14.29
CA GLY A 137 -11.04 -5.23 15.31
C GLY A 137 -12.26 -4.33 15.43
N ILE A 138 -12.09 -3.30 16.26
CA ILE A 138 -13.15 -2.32 16.60
C ILE A 138 -13.94 -1.72 15.42
N TYR A 139 -13.30 -1.53 14.29
CA TYR A 139 -14.02 -1.07 13.14
C TYR A 139 -15.15 -2.02 12.75
N PHE A 140 -15.09 -3.28 13.17
CA PHE A 140 -16.11 -4.22 12.71
C PHE A 140 -16.84 -4.92 13.85
N GLY A 141 -16.35 -4.76 15.08
CA GLY A 141 -16.90 -5.46 16.21
C GLY A 141 -18.36 -5.20 16.54
N GLU A 142 -19.05 -6.27 16.97
CA GLU A 142 -20.40 -6.23 17.55
C GLU A 142 -20.25 -6.63 19.02
N PRO A 143 -21.10 -6.08 19.93
CA PRO A 143 -22.14 -5.06 19.75
C PRO A 143 -21.55 -3.67 19.51
N ARG A 144 -22.36 -2.80 18.95
CA ARG A 144 -21.95 -1.48 18.58
C ARG A 144 -23.24 -0.69 18.43
N GLY A 145 -23.31 0.44 19.13
CA GLY A 145 -24.43 1.35 18.97
C GLY A 145 -24.28 2.66 19.71
N MET A 146 -25.32 3.47 19.57
CA MET A 146 -25.43 4.78 20.20
C MET A 146 -26.82 4.84 20.82
N SER A 147 -26.89 5.10 22.11
CA SER A 147 -28.12 5.53 22.73
C SER A 147 -27.98 7.02 22.89
N GLU A 148 -28.86 7.63 23.66
CA GLU A 148 -28.85 9.05 23.84
C GLU A 148 -27.89 9.48 24.96
N ALA A 149 -27.74 8.63 25.96
CA ALA A 149 -26.83 8.89 27.05
C ALA A 149 -25.41 8.26 26.90
N GLU A 150 -25.18 7.43 25.87
CA GLU A 150 -23.91 6.71 25.74
C GLU A 150 -23.75 6.02 24.41
N ALA A 151 -22.53 5.55 24.14
CA ALA A 151 -22.25 4.83 22.91
C ALA A 151 -21.18 3.80 23.16
N TRP A 152 -21.20 2.74 22.36
CA TRP A 152 -20.31 1.63 22.57
C TRP A 152 -19.84 1.04 21.25
N ASN A 153 -18.56 0.71 21.20
CA ASN A 153 -18.00 -0.14 20.15
C ASN A 153 -17.21 -1.25 20.83
N THR A 154 -17.05 -2.37 20.14
CA THR A 154 -16.38 -3.53 20.70
C THR A 154 -15.17 -3.86 19.85
N GLU A 155 -14.00 -3.84 20.46
CA GLU A 155 -12.81 -4.34 19.79
C GLU A 155 -12.67 -5.86 19.93
N ARG A 156 -12.53 -6.54 18.79
CA ARG A 156 -12.67 -7.98 18.77
C ARG A 156 -11.69 -8.58 17.77
N TYR A 157 -10.78 -9.42 18.24
CA TYR A 157 -9.98 -10.21 17.34
C TYR A 157 -10.10 -11.66 17.72
N SER A 158 -10.16 -12.51 16.71
CA SER A 158 -10.02 -13.96 16.91
C SER A 158 -8.62 -14.45 16.49
N LYS A 159 -8.23 -15.60 17.04
CA LYS A 159 -6.91 -16.18 16.83
C LYS A 159 -6.56 -16.36 15.33
N PRO A 160 -7.46 -16.94 14.52
CA PRO A 160 -7.05 -16.99 13.11
C PRO A 160 -6.88 -15.61 12.40
N GLU A 161 -7.70 -14.60 12.73
CA GLU A 161 -7.47 -13.21 12.22
C GLU A 161 -6.09 -12.67 12.57
N VAL A 162 -5.65 -12.80 13.82
CA VAL A 162 -4.33 -12.32 14.16
C VAL A 162 -3.26 -13.16 13.39
N GLU A 163 -3.50 -14.45 13.24
CA GLU A 163 -2.48 -15.31 12.70
C GLU A 163 -2.16 -14.96 11.24
N ARG A 164 -3.19 -14.75 10.44
CA ARG A 164 -2.94 -14.58 9.02
C ARG A 164 -2.18 -13.29 8.73
N VAL A 165 -2.54 -12.20 9.41
CA VAL A 165 -1.88 -10.93 9.21
C VAL A 165 -0.44 -11.02 9.76
N ALA A 166 -0.28 -11.69 10.89
CA ALA A 166 1.06 -11.94 11.41
C ALA A 166 1.92 -12.64 10.35
N ARG A 167 1.36 -13.69 9.75
CA ARG A 167 2.08 -14.48 8.77
C ARG A 167 2.55 -13.61 7.61
N VAL A 168 1.68 -12.70 7.15
CA VAL A 168 2.02 -11.82 6.05
C VAL A 168 3.22 -10.93 6.45
N ALA A 169 3.17 -10.39 7.66
CA ALA A 169 4.27 -9.58 8.13
C ALA A 169 5.56 -10.40 8.15
N PHE A 170 5.50 -11.68 8.55
CA PHE A 170 6.75 -12.47 8.63
C PHE A 170 7.29 -12.78 7.26
N GLU A 171 6.41 -13.19 6.33
CA GLU A 171 6.82 -13.41 4.95
C GLU A 171 7.57 -12.17 4.47
N ALA A 172 6.91 -11.01 4.60
CA ALA A 172 7.49 -9.72 4.23
C ALA A 172 8.89 -9.44 4.84
N ALA A 173 9.07 -9.74 6.12
CA ALA A 173 10.33 -9.43 6.77
C ALA A 173 11.45 -10.33 6.23
N ARG A 174 11.13 -11.58 5.95
CA ARG A 174 12.11 -12.49 5.40
C ARG A 174 12.69 -11.93 4.04
N LYS A 175 11.81 -11.39 3.21
CA LYS A 175 12.19 -10.69 1.99
C LYS A 175 12.91 -9.35 2.23
N ARG A 176 13.02 -8.90 3.47
CA ARG A 176 13.57 -7.57 3.75
C ARG A 176 14.76 -7.63 4.68
N ARG A 177 14.66 -7.05 5.87
CA ARG A 177 15.77 -6.99 6.82
C ARG A 177 15.48 -7.89 8.06
N LYS A 178 14.57 -8.85 7.88
CA LYS A 178 14.31 -9.93 8.83
C LYS A 178 14.01 -9.50 10.27
N HIS A 179 13.38 -8.36 10.44
CA HIS A 179 13.06 -7.90 11.80
C HIS A 179 11.62 -7.42 11.85
N VAL A 180 10.83 -7.92 12.80
CA VAL A 180 9.41 -7.54 12.95
C VAL A 180 9.14 -6.92 14.31
N VAL A 181 8.34 -5.87 14.30
CA VAL A 181 7.81 -5.29 15.53
C VAL A 181 6.30 -5.42 15.50
N SER A 182 5.75 -5.94 16.56
CA SER A 182 4.33 -6.14 16.69
C SER A 182 3.82 -5.14 17.70
N VAL A 183 2.77 -4.41 17.34
CA VAL A 183 2.33 -3.29 18.12
C VAL A 183 0.93 -3.52 18.69
N ASP A 184 0.82 -3.43 20.00
CA ASP A 184 -0.42 -3.69 20.69
C ASP A 184 -0.54 -2.69 21.83
N LYS A 185 -1.60 -2.87 22.63
CA LYS A 185 -1.71 -2.17 23.92
C LYS A 185 -1.82 -3.21 25.06
N ALA A 186 -0.93 -4.20 25.04
CA ALA A 186 -1.04 -5.40 25.86
C ALA A 186 -0.97 -5.22 27.38
N ASN A 187 -0.42 -4.11 27.84
CA ASN A 187 -0.38 -3.85 29.28
C ASN A 187 -1.70 -3.30 29.81
N VAL A 188 -2.71 -3.14 28.95
CA VAL A 188 -3.98 -2.56 29.39
C VAL A 188 -5.16 -3.35 28.86
N LEU A 189 -5.13 -3.74 27.60
CA LEU A 189 -6.26 -4.40 26.97
C LEU A 189 -5.97 -5.86 26.82
N GLU A 190 -6.92 -6.70 27.22
CA GLU A 190 -6.86 -8.14 26.95
C GLU A 190 -6.71 -8.44 25.45
N VAL A 191 -7.52 -7.84 24.58
CA VAL A 191 -7.24 -7.94 23.15
C VAL A 191 -5.74 -7.72 22.84
N GLY A 192 -5.08 -6.91 23.66
CA GLY A 192 -3.67 -6.61 23.47
C GLY A 192 -2.82 -7.81 23.80
N GLU A 193 -2.86 -8.21 25.07
CA GLU A 193 -2.31 -9.47 25.53
C GLU A 193 -2.54 -10.60 24.53
N PHE A 194 -3.76 -10.68 24.02
CA PHE A 194 -4.12 -11.78 23.14
C PHE A 194 -3.33 -11.68 21.84
N TRP A 195 -3.25 -10.47 21.29
CA TRP A 195 -2.49 -10.21 20.08
C TRP A 195 -1.03 -10.66 20.32
N ARG A 196 -0.48 -10.17 21.42
CA ARG A 196 0.93 -10.38 21.65
C ARG A 196 1.29 -11.86 21.81
N LYS A 197 0.51 -12.60 22.61
CA LYS A 197 0.78 -14.01 22.79
C LYS A 197 0.64 -14.74 21.44
N THR A 198 -0.41 -14.43 20.69
CA THR A 198 -0.61 -15.04 19.38
C THR A 198 0.51 -14.75 18.38
N VAL A 199 0.94 -13.50 18.26
CA VAL A 199 2.02 -13.21 17.32
C VAL A 199 3.30 -13.87 17.80
N GLU A 200 3.52 -13.86 19.11
CA GLU A 200 4.74 -14.49 19.63
C GLU A 200 4.81 -15.91 19.10
N GLU A 201 3.68 -16.59 19.10
CA GLU A 201 3.65 -17.98 18.70
C GLU A 201 3.90 -18.16 17.19
N VAL A 202 3.29 -17.31 16.35
CA VAL A 202 3.56 -17.30 14.90
C VAL A 202 5.04 -17.11 14.61
N GLY A 203 5.70 -16.31 15.44
CA GLY A 203 7.06 -15.90 15.23
C GLY A 203 7.95 -17.11 15.32
N ARG A 204 7.51 -18.07 16.12
CA ARG A 204 8.19 -19.34 16.26
C ARG A 204 8.32 -20.11 14.94
N GLY A 205 7.47 -19.88 13.96
CA GLY A 205 7.60 -20.51 12.63
C GLY A 205 8.51 -19.79 11.65
N TYR A 206 9.09 -18.69 12.09
CA TYR A 206 10.07 -17.94 11.28
C TYR A 206 11.29 -17.68 12.13
N PRO A 207 12.11 -18.72 12.32
CA PRO A 207 13.30 -18.55 13.15
C PRO A 207 14.37 -17.66 12.51
N ASP A 208 14.20 -17.25 11.26
CA ASP A 208 15.12 -16.28 10.66
C ASP A 208 14.76 -14.82 11.00
N VAL A 209 13.48 -14.58 11.31
CA VAL A 209 13.01 -13.26 11.64
C VAL A 209 12.93 -13.02 13.14
N ALA A 210 13.59 -11.98 13.62
CA ALA A 210 13.48 -11.53 15.00
C ALA A 210 12.09 -10.87 15.21
N LEU A 211 11.58 -10.83 16.46
CA LEU A 211 10.25 -10.28 16.72
C LEU A 211 10.31 -9.49 17.96
N GLU A 212 9.68 -8.34 18.00
CA GLU A 212 9.83 -7.51 19.16
C GLU A 212 8.46 -6.86 19.37
N HIS A 213 8.11 -6.48 20.59
CA HIS A 213 6.73 -6.02 20.87
C HIS A 213 6.74 -4.62 21.42
N GLN A 214 5.92 -3.74 20.86
CA GLN A 214 5.76 -2.44 21.48
C GLN A 214 4.35 -1.97 21.62
N TYR A 215 4.21 -0.96 22.46
CA TYR A 215 2.94 -0.37 22.71
C TYR A 215 2.69 0.69 21.67
N VAL A 216 1.45 0.78 21.22
CA VAL A 216 1.09 1.75 20.19
C VAL A 216 1.59 3.18 20.53
N ASP A 217 1.39 3.65 21.77
CA ASP A 217 2.00 4.95 22.15
C ASP A 217 3.51 5.01 22.04
N ALA A 218 4.21 4.06 22.64
CA ALA A 218 5.65 3.98 22.48
C ALA A 218 6.03 4.05 20.98
N MET A 219 5.35 3.23 20.19
CA MET A 219 5.63 3.16 18.78
C MET A 219 5.37 4.52 18.05
N ALA A 220 4.33 5.26 18.43
CA ALA A 220 4.10 6.55 17.77
C ALA A 220 5.30 7.45 18.00
N MET A 221 5.88 7.38 19.19
CA MET A 221 7.07 8.12 19.50
C MET A 221 8.26 7.62 18.66
N HIS A 222 8.49 6.31 18.61
CA HIS A 222 9.68 5.83 17.93
C HIS A 222 9.67 6.16 16.45
N LEU A 223 8.47 6.23 15.88
CA LEU A 223 8.29 6.50 14.46
C LEU A 223 8.75 7.94 14.13
N VAL A 224 8.81 8.78 15.14
CA VAL A 224 9.23 10.14 14.99
C VAL A 224 10.68 10.39 15.47
N ARG A 225 11.09 9.77 16.57
CA ARG A 225 12.45 9.98 17.09
C ARG A 225 13.47 9.08 16.39
N SER A 226 13.03 7.95 15.85
CA SER A 226 14.02 7.01 15.37
C SER A 226 13.42 5.96 14.46
N PRO A 227 12.65 6.42 13.47
CA PRO A 227 12.02 5.48 12.55
C PRO A 227 13.04 4.62 11.81
N ALA A 228 14.29 5.07 11.69
CA ALA A 228 15.24 4.30 10.84
C ALA A 228 15.62 2.92 11.44
N ARG A 229 15.34 2.70 12.72
CA ARG A 229 15.64 1.40 13.30
C ARG A 229 14.65 0.28 12.96
N PHE A 230 13.52 0.58 12.31
CA PHE A 230 12.51 -0.46 12.07
C PHE A 230 12.59 -1.09 10.69
N ASP A 231 12.02 -2.29 10.57
CA ASP A 231 11.95 -2.93 9.30
C ASP A 231 10.48 -3.12 9.00
N VAL A 232 9.88 -4.21 9.48
CA VAL A 232 8.46 -4.41 9.28
C VAL A 232 7.79 -4.14 10.58
N VAL A 233 6.61 -3.52 10.52
CA VAL A 233 5.81 -3.24 11.70
C VAL A 233 4.45 -3.85 11.46
N VAL A 234 3.95 -4.64 12.42
CA VAL A 234 2.62 -5.22 12.25
C VAL A 234 1.68 -4.97 13.40
N THR A 235 0.43 -4.68 13.08
CA THR A 235 -0.51 -4.32 14.12
C THR A 235 -1.94 -4.48 13.66
N GLY A 236 -2.84 -4.26 14.63
CA GLY A 236 -4.28 -4.38 14.41
C GLY A 236 -4.82 -3.27 13.54
N ASN A 237 -6.13 -3.32 13.28
CA ASN A 237 -6.77 -2.43 12.32
C ASN A 237 -6.64 -0.93 12.68
N ILE A 238 -7.24 -0.52 13.82
CA ILE A 238 -7.28 0.88 14.14
C ILE A 238 -5.85 1.39 14.35
N PHE A 239 -5.01 0.62 15.05
CA PHE A 239 -3.65 1.11 15.27
C PHE A 239 -2.92 1.21 13.94
N GLY A 240 -3.18 0.28 13.04
CA GLY A 240 -2.51 0.31 11.76
C GLY A 240 -3.01 1.51 11.04
N ASP A 241 -4.29 1.81 11.21
CA ASP A 241 -4.86 2.94 10.58
C ASP A 241 -4.11 4.22 11.01
N ILE A 242 -3.80 4.35 12.30
CA ILE A 242 -3.03 5.49 12.77
C ILE A 242 -1.55 5.44 12.33
N LEU A 243 -0.90 4.31 12.59
CA LEU A 243 0.54 4.20 12.43
C LEU A 243 1.00 4.29 10.99
N SER A 244 0.33 3.64 10.06
CA SER A 244 0.82 3.80 8.70
C SER A 244 0.67 5.24 8.26
N ASP A 245 -0.42 5.90 8.67
CA ASP A 245 -0.60 7.30 8.36
C ASP A 245 0.55 8.12 8.98
N LEU A 246 0.89 7.81 10.21
CA LEU A 246 2.02 8.44 10.85
C LEU A 246 3.31 8.18 10.02
N ALA A 247 3.64 6.93 9.75
CA ALA A 247 4.83 6.57 8.98
C ALA A 247 4.84 7.24 7.62
N SER A 248 3.67 7.48 7.07
CA SER A 248 3.58 7.88 5.69
C SER A 248 4.06 9.33 5.45
N VAL A 249 3.95 10.18 6.47
CA VAL A 249 4.35 11.56 6.31
C VAL A 249 5.86 11.66 6.29
N LEU A 250 6.51 10.54 6.59
CA LEU A 250 7.93 10.58 6.85
C LEU A 250 8.75 10.85 5.61
N PRO A 251 8.50 10.14 4.48
CA PRO A 251 9.28 10.46 3.27
C PRO A 251 9.06 11.90 2.81
N GLY A 252 7.94 12.47 3.25
CA GLY A 252 7.62 13.88 2.99
C GLY A 252 7.11 14.22 1.60
N SER A 253 6.60 13.26 0.84
CA SER A 253 5.80 13.57 -0.35
C SER A 253 4.85 12.47 -0.70
N LEU A 254 3.57 12.83 -0.86
CA LEU A 254 2.50 11.89 -1.21
C LEU A 254 2.81 11.05 -2.46
N GLY A 255 3.50 11.62 -3.43
CA GLY A 255 3.77 10.97 -4.72
C GLY A 255 4.75 9.83 -4.67
N LEU A 256 5.35 9.64 -3.49
CA LEU A 256 6.31 8.57 -3.28
C LEU A 256 5.72 7.26 -2.74
N LEU A 257 4.42 7.24 -2.38
CA LEU A 257 3.89 6.19 -1.48
C LEU A 257 3.09 5.05 -2.14
N PRO A 258 3.62 3.82 -2.08
CA PRO A 258 2.86 2.65 -2.59
C PRO A 258 2.02 1.88 -1.54
N SER A 259 1.17 0.99 -2.04
CA SER A 259 0.30 0.19 -1.18
C SER A 259 0.05 -1.19 -1.79
N ALA A 260 0.05 -2.21 -0.95
CA ALA A 260 -0.41 -3.53 -1.35
C ALA A 260 -1.49 -3.98 -0.39
N SER A 261 -2.46 -4.69 -0.95
CA SER A 261 -3.48 -5.35 -0.15
C SER A 261 -3.53 -6.83 -0.48
N LEU A 262 -3.29 -7.64 0.55
CA LEU A 262 -3.18 -9.09 0.42
C LEU A 262 -4.23 -9.83 1.25
N GLY A 263 -4.62 -11.00 0.77
CA GLY A 263 -5.50 -11.89 1.51
C GLY A 263 -5.72 -13.18 0.75
N ARG A 264 -6.96 -13.63 0.77
CA ARG A 264 -7.26 -14.87 0.08
C ARG A 264 -7.22 -14.68 -1.43
N GLY A 265 -8.08 -13.79 -1.92
CA GLY A 265 -8.21 -13.46 -3.34
C GLY A 265 -7.03 -12.87 -4.11
N THR A 266 -7.35 -12.07 -5.12
CA THR A 266 -6.31 -11.45 -5.91
C THR A 266 -5.71 -10.25 -5.12
N PRO A 267 -4.36 -10.24 -4.93
CA PRO A 267 -3.67 -9.12 -4.29
C PRO A 267 -3.88 -7.83 -5.08
N VAL A 268 -4.21 -6.71 -4.44
CA VAL A 268 -4.25 -5.44 -5.20
C VAL A 268 -3.15 -4.48 -4.79
N PHE A 269 -2.58 -3.80 -5.77
CA PHE A 269 -1.41 -2.96 -5.58
C PHE A 269 -1.74 -1.63 -6.21
N GLU A 270 -1.67 -0.59 -5.39
CA GLU A 270 -2.13 0.72 -5.77
C GLU A 270 -1.26 1.83 -5.12
N PRO A 271 -1.26 3.02 -5.72
CA PRO A 271 -0.68 4.13 -5.01
C PRO A 271 -1.65 4.58 -3.96
N VAL A 272 -1.12 5.04 -2.83
CA VAL A 272 -1.92 5.63 -1.78
C VAL A 272 -2.73 6.86 -2.25
N HIS A 273 -2.13 7.64 -3.15
CA HIS A 273 -2.78 8.84 -3.64
C HIS A 273 -4.04 8.52 -4.38
N GLY A 274 -4.93 9.52 -4.32
CA GLY A 274 -6.17 9.49 -5.04
C GLY A 274 -5.93 9.94 -6.46
N SER A 275 -7.02 10.31 -7.12
CA SER A 275 -7.08 10.54 -8.55
C SER A 275 -6.70 11.96 -8.93
N ALA A 276 -6.49 12.82 -7.93
CA ALA A 276 -5.95 14.17 -8.14
C ALA A 276 -6.54 14.99 -9.31
N PRO A 277 -7.87 15.18 -9.33
CA PRO A 277 -8.53 15.91 -10.43
C PRO A 277 -7.87 17.25 -10.79
N ASP A 278 -7.40 17.99 -9.80
CA ASP A 278 -6.72 19.27 -9.99
C ASP A 278 -5.47 19.22 -10.87
N ILE A 279 -4.92 18.03 -11.16
CA ILE A 279 -3.75 17.93 -12.04
C ILE A 279 -3.89 16.86 -13.15
N ALA A 280 -5.01 16.12 -13.15
CA ALA A 280 -5.26 15.09 -14.18
C ALA A 280 -5.11 15.72 -15.54
N GLY A 281 -4.47 14.99 -16.44
CA GLY A 281 -4.23 15.44 -17.82
C GLY A 281 -3.10 16.44 -18.04
N LYS A 282 -2.49 16.95 -16.96
CA LYS A 282 -1.36 17.90 -17.06
C LYS A 282 -0.02 17.27 -17.35
N GLY A 283 0.06 15.94 -17.41
CA GLY A 283 1.33 15.25 -17.54
C GLY A 283 2.38 15.58 -16.48
N ILE A 284 1.94 15.87 -15.25
CA ILE A 284 2.90 16.18 -14.18
C ILE A 284 2.86 15.26 -12.96
N ALA A 285 1.83 14.44 -12.83
CA ALA A 285 1.75 13.60 -11.66
C ALA A 285 3.04 12.80 -11.48
N ASN A 286 3.56 12.74 -10.26
CA ASN A 286 4.70 11.89 -9.91
C ASN A 286 4.32 10.43 -10.02
N PRO A 287 4.96 9.65 -10.90
CA PRO A 287 4.47 8.28 -11.00
C PRO A 287 5.18 7.26 -10.07
N THR A 288 6.07 7.76 -9.21
CA THR A 288 6.76 6.91 -8.23
C THR A 288 5.82 5.98 -7.46
N ALA A 289 4.77 6.52 -6.84
CA ALA A 289 3.85 5.66 -6.12
C ALA A 289 3.44 4.48 -7.00
N ALA A 290 2.99 4.75 -8.23
CA ALA A 290 2.47 3.65 -9.09
C ALA A 290 3.57 2.64 -9.40
N ILE A 291 4.71 3.14 -9.85
CA ILE A 291 5.82 2.28 -10.17
C ILE A 291 6.22 1.40 -8.98
N LEU A 292 6.32 2.04 -7.83
CA LEU A 292 6.60 1.30 -6.61
C LEU A 292 5.49 0.28 -6.28
N SER A 293 4.25 0.51 -6.71
CA SER A 293 3.19 -0.50 -6.53
C SER A 293 3.43 -1.72 -7.42
N ALA A 294 3.81 -1.48 -8.67
CA ALA A 294 4.25 -2.57 -9.53
C ALA A 294 5.43 -3.30 -8.85
N ALA A 295 6.37 -2.54 -8.32
CA ALA A 295 7.49 -3.15 -7.62
C ALA A 295 6.95 -4.03 -6.51
N MET A 296 6.04 -3.48 -5.69
CA MET A 296 5.46 -4.26 -4.63
C MET A 296 4.77 -5.48 -5.22
N MET A 297 4.10 -5.32 -6.35
CA MET A 297 3.47 -6.45 -7.02
C MET A 297 4.47 -7.57 -7.34
N LEU A 298 5.52 -7.21 -8.05
CA LEU A 298 6.54 -8.19 -8.38
C LEU A 298 6.93 -8.96 -7.13
N GLU A 299 7.07 -8.21 -6.04
CA GLU A 299 7.54 -8.77 -4.78
C GLU A 299 6.54 -9.66 -4.04
N HIS A 300 5.39 -9.10 -3.69
CA HIS A 300 4.49 -9.78 -2.78
C HIS A 300 3.60 -10.78 -3.48
N ALA A 301 3.13 -10.38 -4.66
CA ALA A 301 2.34 -11.28 -5.49
C ALA A 301 3.15 -12.30 -6.27
N PHE A 302 4.39 -12.01 -6.67
CA PHE A 302 5.13 -12.96 -7.56
C PHE A 302 6.46 -13.45 -6.98
N GLY A 303 6.68 -13.20 -5.70
CA GLY A 303 7.94 -13.54 -5.05
C GLY A 303 9.18 -13.13 -5.83
N LEU A 304 9.07 -12.12 -6.70
CA LEU A 304 10.21 -11.69 -7.51
C LEU A 304 10.96 -10.56 -6.86
N VAL A 305 11.61 -10.84 -5.72
CA VAL A 305 12.18 -9.80 -4.86
C VAL A 305 13.30 -9.00 -5.51
N GLU A 306 14.19 -9.68 -6.22
CA GLU A 306 15.30 -9.02 -6.86
C GLU A 306 14.85 -8.02 -7.95
N LEU A 307 13.90 -8.43 -8.77
CA LEU A 307 13.32 -7.51 -9.73
C LEU A 307 12.67 -6.30 -9.07
N ALA A 308 12.01 -6.52 -7.92
CA ALA A 308 11.42 -5.44 -7.14
C ALA A 308 12.47 -4.44 -6.66
N ARG A 309 13.60 -4.93 -6.16
CA ARG A 309 14.69 -4.06 -5.69
C ARG A 309 15.39 -3.30 -6.81
N LYS A 310 15.27 -3.85 -8.01
CA LYS A 310 15.87 -3.27 -9.19
C LYS A 310 15.04 -2.04 -9.58
N VAL A 311 13.71 -2.21 -9.60
CA VAL A 311 12.82 -1.09 -9.86
C VAL A 311 13.05 0.00 -8.80
N GLU A 312 12.99 -0.39 -7.51
CA GLU A 312 13.21 0.54 -6.41
C GLU A 312 14.51 1.31 -6.59
N ASP A 313 15.58 0.58 -6.90
CA ASP A 313 16.88 1.24 -7.04
C ASP A 313 16.87 2.23 -8.24
N ALA A 314 16.21 1.83 -9.33
CA ALA A 314 16.09 2.72 -10.49
C ALA A 314 15.29 3.96 -10.09
N VAL A 315 14.10 3.77 -9.54
CA VAL A 315 13.29 4.87 -9.04
C VAL A 315 14.06 5.81 -8.11
N ALA A 316 14.95 5.27 -7.28
CA ALA A 316 15.69 6.08 -6.29
C ALA A 316 16.72 6.91 -7.02
N LYS A 317 17.24 6.38 -8.10
CA LYS A 317 18.21 7.11 -8.88
C LYS A 317 17.54 8.18 -9.74
N ALA A 318 16.35 7.86 -10.24
CA ALA A 318 15.58 8.79 -11.03
C ALA A 318 15.17 9.96 -10.12
N LEU A 319 14.78 9.67 -8.89
CA LEU A 319 14.31 10.75 -8.04
C LEU A 319 15.42 11.76 -7.75
N LEU A 320 16.66 11.30 -7.79
CA LEU A 320 17.81 12.20 -7.63
C LEU A 320 18.19 12.97 -8.94
N GLU A 321 18.04 12.30 -10.07
CA GLU A 321 18.54 12.84 -11.31
C GLU A 321 17.49 13.79 -11.91
N THR A 322 16.27 13.32 -12.06
CA THR A 322 15.25 14.17 -12.59
C THR A 322 14.06 14.16 -11.66
N PRO A 323 14.19 14.84 -10.48
CA PRO A 323 13.10 14.82 -9.54
C PRO A 323 11.86 15.43 -10.15
N PRO A 324 10.68 14.88 -9.82
CA PRO A 324 9.38 15.44 -10.21
C PRO A 324 9.07 16.77 -9.49
N PRO A 325 8.01 17.45 -9.95
CA PRO A 325 7.65 18.75 -9.39
C PRO A 325 7.31 18.70 -7.91
N ASP A 326 6.71 17.60 -7.45
CA ASP A 326 6.35 17.50 -6.03
C ASP A 326 7.59 17.28 -5.18
N LEU A 327 8.71 16.92 -5.77
CA LEU A 327 9.96 16.87 -5.02
C LEU A 327 10.73 18.15 -5.13
N GLY A 328 10.13 19.17 -5.72
CA GLY A 328 10.83 20.41 -6.04
C GLY A 328 11.57 20.49 -7.37
N GLY A 329 11.38 19.54 -8.29
CA GLY A 329 12.05 19.54 -9.61
C GLY A 329 11.10 19.68 -10.79
N SER A 330 11.48 19.24 -11.98
CA SER A 330 10.70 19.63 -13.13
C SER A 330 10.16 18.50 -13.96
N ALA A 331 10.60 17.28 -13.63
CA ALA A 331 10.33 16.14 -14.49
C ALA A 331 8.85 15.68 -14.48
N GLY A 332 8.18 15.83 -15.63
CA GLY A 332 6.79 15.42 -15.77
C GLY A 332 6.74 13.92 -15.88
N THR A 333 5.52 13.38 -15.84
CA THR A 333 5.33 11.95 -15.78
C THR A 333 6.16 11.16 -16.82
N GLU A 334 5.99 11.44 -18.12
CA GLU A 334 6.76 10.74 -19.15
C GLU A 334 8.28 10.87 -18.89
N ALA A 335 8.77 12.09 -18.71
CA ALA A 335 10.20 12.31 -18.53
C ALA A 335 10.82 11.57 -17.35
N PHE A 336 10.13 11.57 -16.20
CA PHE A 336 10.61 10.83 -15.00
C PHE A 336 10.67 9.32 -15.29
N THR A 337 9.56 8.81 -15.81
CA THR A 337 9.50 7.44 -16.28
C THR A 337 10.66 7.08 -17.21
N ALA A 338 11.04 8.01 -18.10
CA ALA A 338 12.12 7.72 -19.01
C ALA A 338 13.39 7.57 -18.21
N THR A 339 13.48 8.32 -17.10
CA THR A 339 14.70 8.23 -16.25
C THR A 339 14.71 6.91 -15.49
N VAL A 340 13.55 6.48 -15.01
CA VAL A 340 13.46 5.16 -14.42
C VAL A 340 13.97 4.13 -15.42
N LEU A 341 13.40 4.13 -16.63
CA LEU A 341 13.84 3.20 -17.68
C LEU A 341 15.33 3.29 -18.01
N ARG A 342 15.92 4.47 -18.02
CA ARG A 342 17.35 4.49 -18.32
C ARG A 342 18.07 3.65 -17.27
N HIS A 343 17.64 3.75 -16.01
CA HIS A 343 18.30 2.99 -14.94
C HIS A 343 17.93 1.48 -14.88
N LEU A 344 16.74 1.08 -15.30
CA LEU A 344 16.48 -0.36 -15.49
C LEU A 344 17.36 -1.04 -16.56
N ALA A 345 17.39 -0.46 -17.77
CA ALA A 345 18.36 -0.87 -18.82
C ALA A 345 19.74 -1.06 -18.20
PA NAD B . -5.14 12.93 -3.63
O1A NAD B . -4.37 11.83 -4.26
O2A NAD B . -5.36 12.76 -2.15
O5B NAD B . -4.50 14.38 -3.95
C5B NAD B . -4.10 15.29 -2.93
C4B NAD B . -3.26 16.45 -3.47
O4B NAD B . -1.95 15.99 -3.83
C3B NAD B . -3.84 17.04 -4.74
O3B NAD B . -3.57 18.44 -4.76
C2B NAD B . -3.07 16.35 -5.85
O2B NAD B . -2.94 17.19 -7.01
C1B NAD B . -1.72 16.03 -5.25
N9A NAD B . -1.24 14.71 -5.70
C8A NAD B . -1.81 13.54 -5.42
N7A NAD B . -1.09 12.54 -5.99
C5A NAD B . -0.05 13.06 -6.65
C6A NAD B . 1.08 12.56 -7.47
N6A NAD B . 1.26 11.25 -7.72
N1A NAD B . 1.94 13.45 -7.99
C2A NAD B . 1.81 14.76 -7.77
N3A NAD B . 0.81 15.27 -7.03
C4A NAD B . -0.15 14.49 -6.44
O3 NAD B . -6.55 13.05 -4.37
PN NAD B . -7.83 13.75 -3.65
O1N NAD B . -8.99 13.13 -4.41
O2N NAD B . -7.83 13.39 -2.18
O5D NAD B . -7.57 15.22 -3.92
CAA DEI C . -8.68 0.67 3.69
SAF DEI C . -7.21 0.41 2.65
CAE DEI C . -6.75 2.01 2.07
CAH DEI C . -5.72 2.10 1.14
CAG DEI C . -5.26 3.46 0.56
OAB DEI C . -5.71 4.54 1.00
OAC DEI C . -4.44 3.40 -0.38
OAD DEI C . -5.14 0.95 0.70
MG MG D . 10.28 -15.09 14.75
#